data_7AMD
#
_entry.id   7AMD
#
_cell.length_a   54.614
_cell.length_b   71.836
_cell.length_c   169.597
_cell.angle_alpha   90.000
_cell.angle_beta   90.000
_cell.angle_gamma   90.000
#
_symmetry.space_group_name_H-M   'P 21 21 21'
#
loop_
_entity.id
_entity.type
_entity.pdbx_description
1 polymer 'Choline O-acetyltransferase'
2 non-polymer '[[(2~{R},3~{S},4~{R},5~{R})-5-(6-aminopurin-9-yl)-4-oxidanyl-3-phosphonooxy-oxolan-2-yl]methoxy-oxidanyl-phosphoryl] [(3~{R})-2,2-dimethyl-4-[[3-[2-[(1~{R})-2-(1-methylpyridin-4-yl)-1-naphthalen-1-yl-ethyl]sulfanylethylamino]-3-oxidanylidene-propyl]amino]-3-oxidanyl-4-oxidanylidene-butyl] hydrogen phosphate'
3 non-polymer 'SODIUM ION'
4 water water
#
_entity_poly.entity_id   1
_entity_poly.type   'polypeptide(L)'
_entity_poly.pdbx_seq_one_letter_code
;AAAKTPSSEESGLPKLPVPPLQQTLATYLQCMRHLVSEEQFRKSQAIVQQFGAPGGLGETLQQKLLERQEKTANWVSEYW
LNDMYLNNRLALPVNSSPAVIFARQHFPGTDDQLRFAASLISGVLSYKALLDSHSIPTDCAKGQLSGQPLCMKQYYGLFS
SYRLPGHTQDTLVAQNSSIMPEPEHVIVACCNQFFVLDVVINFRRLSEGDLFTQLRKIVKMASNAAARLPPIGLLTSDGR
SEWAEARTVLVKDSTNRDSLDMIERCICLVCLDAPGGVELSDTHRALQLLHGGGYSKNGANRWYDKSLQFVVGRDGTCGV
VCEHSPFDGIVLVQCTEHLLKHMTQPELVRSPMVPLPAPRRLRWKCSPEIQGHLASSAEKLQRIVKNLDFIVYKFDNYGK
TFIKKQKCSPDAFIQVALQLAFYRLHRRLVPTYESASIRRFQEGRVDNIRSATPEALAFVRAVTDHKAAVPASEKLLLLK
DAIRAQTAYTVMAITGMAIDNHLLALRELARAMCAALPEMFMDETYLMSNRFVLSTSQVPTTTEMFCCYGPVVPNGYGAC
YNPQPETILFCISSFHSCAATSSSKFAKAVEESLIDMRDLCSLLPPTESKPL
;
_entity_poly.pdbx_strand_id   A
#
# COMPACT_ATOMS: atom_id res chain seq x y z
N GLY A 12 -1.24 2.15 26.93
CA GLY A 12 -1.99 3.22 27.56
C GLY A 12 -2.76 4.06 26.57
N LEU A 13 -2.88 3.55 25.34
CA LEU A 13 -3.60 4.26 24.28
C LEU A 13 -5.10 4.03 24.40
N PRO A 14 -5.92 4.97 23.92
CA PRO A 14 -7.36 4.76 23.98
C PRO A 14 -7.83 3.76 22.92
N LYS A 15 -9.00 3.19 23.19
CA LYS A 15 -9.66 2.30 22.25
C LYS A 15 -10.27 3.11 21.11
N LEU A 16 -10.21 2.55 19.90
CA LEU A 16 -10.85 3.18 18.76
C LEU A 16 -12.29 3.56 19.11
N PRO A 17 -12.68 4.82 18.94
CA PRO A 17 -14.05 5.20 19.31
C PRO A 17 -15.08 4.68 18.31
N VAL A 18 -16.31 4.54 18.82
CA VAL A 18 -17.47 4.21 18.00
C VAL A 18 -18.26 5.50 17.79
N PRO A 19 -18.28 6.07 16.58
CA PRO A 19 -18.98 7.35 16.39
C PRO A 19 -20.48 7.16 16.56
N PRO A 20 -21.21 8.23 16.86
CA PRO A 20 -22.67 8.12 16.92
C PRO A 20 -23.25 7.71 15.57
N LEU A 21 -24.28 6.86 15.61
CA LEU A 21 -24.85 6.33 14.37
C LEU A 21 -25.39 7.45 13.49
N GLN A 22 -26.16 8.38 14.07
CA GLN A 22 -26.77 9.42 13.25
C GLN A 22 -25.72 10.33 12.62
N GLN A 23 -24.59 10.54 13.31
CA GLN A 23 -23.50 11.30 12.72
C GLN A 23 -22.98 10.61 11.46
N THR A 24 -22.68 9.32 11.55
CA THR A 24 -22.12 8.60 10.41
C THR A 24 -23.08 8.59 9.23
N LEU A 25 -24.37 8.42 9.50
CA LEU A 25 -25.35 8.33 8.42
C LEU A 25 -25.53 9.67 7.71
N ALA A 26 -25.49 10.77 8.46
CA ALA A 26 -25.61 12.09 7.84
C ALA A 26 -24.35 12.45 7.06
N THR A 27 -23.18 12.08 7.57
CA THR A 27 -21.94 12.28 6.83
C THR A 27 -21.91 11.45 5.56
N TYR A 28 -22.40 10.21 5.65
CA TYR A 28 -22.43 9.34 4.48
C TYR A 28 -23.29 9.93 3.38
N LEU A 29 -24.50 10.39 3.72
CA LEU A 29 -25.37 10.97 2.71
C LEU A 29 -24.76 12.21 2.07
N GLN A 30 -24.19 13.09 2.90
CA GLN A 30 -23.54 14.29 2.38
C GLN A 30 -22.34 13.95 1.51
N CYS A 31 -21.68 12.81 1.77
CA CYS A 31 -20.53 12.43 0.97
C CYS A 31 -20.91 12.02 -0.45
N MET A 32 -22.10 11.47 -0.63
CA MET A 32 -22.47 10.87 -1.90
C MET A 32 -23.50 11.66 -2.71
N ARG A 33 -24.14 12.67 -2.11
CA ARG A 33 -25.23 13.36 -2.79
C ARG A 33 -24.78 13.92 -4.13
N HIS A 34 -23.61 14.57 -4.15
CA HIS A 34 -23.13 15.19 -5.38
C HIS A 34 -22.48 14.20 -6.35
N LEU A 35 -22.40 12.93 -5.98
CA LEU A 35 -21.79 11.92 -6.84
C LEU A 35 -22.79 10.94 -7.41
N VAL A 36 -24.09 11.12 -7.17
CA VAL A 36 -25.14 10.29 -7.74
C VAL A 36 -26.23 11.20 -8.27
N SER A 37 -27.09 10.62 -9.10
CA SER A 37 -28.22 11.36 -9.63
C SER A 37 -29.24 11.69 -8.55
N GLU A 38 -30.07 12.68 -8.87
CA GLU A 38 -31.21 13.10 -8.05
C GLU A 38 -32.07 11.92 -7.56
N GLU A 39 -32.47 11.05 -8.48
CA GLU A 39 -33.39 9.96 -8.18
C GLU A 39 -32.71 8.89 -7.37
N GLN A 40 -31.45 8.58 -7.70
CA GLN A 40 -30.74 7.57 -6.92
C GLN A 40 -30.54 8.05 -5.48
N PHE A 41 -30.27 9.35 -5.30
CA PHE A 41 -30.08 9.88 -3.96
C PHE A 41 -31.35 9.83 -3.15
N ARG A 42 -32.46 10.27 -3.72
CA ARG A 42 -33.79 10.23 -3.07
C ARG A 42 -34.04 8.83 -2.50
N LYS A 43 -33.77 7.79 -3.27
CA LYS A 43 -33.93 6.39 -2.85
C LYS A 43 -32.97 6.08 -1.71
N SER A 44 -31.72 6.50 -1.82
CA SER A 44 -30.68 6.28 -0.80
C SER A 44 -31.11 7.00 0.48
N GLN A 45 -31.65 8.21 0.37
CA GLN A 45 -32.13 8.92 1.55
C GLN A 45 -33.19 8.12 2.28
N ALA A 46 -34.18 7.60 1.53
CA ALA A 46 -35.23 6.80 2.16
C ALA A 46 -34.65 5.54 2.80
N ILE A 47 -33.74 4.87 2.10
CA ILE A 47 -33.14 3.66 2.66
C ILE A 47 -32.43 3.98 3.98
N VAL A 48 -31.63 5.04 3.98
CA VAL A 48 -30.83 5.37 5.15
C VAL A 48 -31.72 5.79 6.31
N GLN A 49 -32.78 6.54 6.04
CA GLN A 49 -33.72 6.93 7.08
C GLN A 49 -34.32 5.71 7.76
N GLN A 50 -34.75 4.73 6.97
CA GLN A 50 -35.32 3.52 7.57
C GLN A 50 -34.27 2.73 8.33
N PHE A 51 -33.06 2.64 7.79
CA PHE A 51 -31.97 1.99 8.50
C PHE A 51 -31.68 2.68 9.83
N GLY A 52 -31.73 4.00 9.87
CA GLY A 52 -31.37 4.77 11.04
C GLY A 52 -32.52 5.14 11.95
N ALA A 53 -33.69 4.54 11.79
CA ALA A 53 -34.86 4.98 12.53
C ALA A 53 -34.85 4.44 13.96
N PRO A 54 -35.54 5.13 14.86
CA PRO A 54 -35.57 4.68 16.27
C PRO A 54 -36.11 3.27 16.41
N GLY A 55 -35.41 2.46 17.20
CA GLY A 55 -35.74 1.06 17.32
C GLY A 55 -35.45 0.23 16.09
N GLY A 56 -34.86 0.82 15.06
CA GLY A 56 -34.63 0.13 13.80
C GLY A 56 -33.37 -0.70 13.83
N LEU A 57 -33.00 -1.20 12.65
CA LEU A 57 -31.89 -2.14 12.54
C LEU A 57 -30.56 -1.47 12.83
N GLY A 58 -30.37 -0.23 12.36
CA GLY A 58 -29.13 0.47 12.65
C GLY A 58 -28.83 0.53 14.14
N GLU A 59 -29.82 0.91 14.93
CA GLU A 59 -29.59 1.04 16.37
C GLU A 59 -29.28 -0.32 17.00
N THR A 60 -29.97 -1.37 16.57
CA THR A 60 -29.63 -2.71 17.04
C THR A 60 -28.17 -3.03 16.71
N LEU A 61 -27.74 -2.72 15.48
CA LEU A 61 -26.36 -2.99 15.09
C LEU A 61 -25.38 -2.14 15.88
N GLN A 62 -25.72 -0.87 16.10
CA GLN A 62 -24.87 0.01 16.90
C GLN A 62 -24.66 -0.55 18.31
N GLN A 63 -25.74 -1.06 18.93
CA GLN A 63 -25.61 -1.62 20.26
C GLN A 63 -24.72 -2.86 20.26
N LYS A 64 -24.81 -3.68 19.21
CA LYS A 64 -23.89 -4.80 19.08
C LYS A 64 -22.46 -4.34 18.88
N LEU A 65 -22.27 -3.17 18.25
CA LEU A 65 -20.93 -2.67 18.01
C LEU A 65 -20.29 -2.16 19.30
N LEU A 66 -21.08 -1.50 20.16
CA LEU A 66 -20.54 -1.04 21.43
C LEU A 66 -20.17 -2.21 22.34
N GLU A 67 -21.00 -3.26 22.33
CA GLU A 67 -20.61 -4.50 23.01
C GLU A 67 -19.29 -5.02 22.46
N ARG A 68 -19.08 -4.90 21.14
CA ARG A 68 -17.83 -5.38 20.56
C ARG A 68 -16.64 -4.54 21.01
N GLN A 69 -16.81 -3.22 21.09
CA GLN A 69 -15.73 -2.35 21.53
C GLN A 69 -15.31 -2.69 22.96
N GLU A 70 -16.27 -3.03 23.81
CA GLU A 70 -15.94 -3.37 25.20
C GLU A 70 -15.14 -4.66 25.29
N LYS A 71 -15.37 -5.61 24.39
CA LYS A 71 -14.76 -6.93 24.52
C LYS A 71 -13.53 -7.14 23.64
N THR A 72 -13.22 -6.19 22.74
CA THR A 72 -12.05 -6.29 21.89
C THR A 72 -11.12 -5.11 22.15
N ALA A 73 -9.85 -5.29 21.79
CA ALA A 73 -8.92 -4.17 21.82
C ALA A 73 -9.26 -3.16 20.74
N ASN A 74 -9.63 -3.64 19.56
CA ASN A 74 -9.97 -2.79 18.41
C ASN A 74 -11.10 -3.48 17.66
N TRP A 75 -12.26 -2.81 17.59
CA TRP A 75 -13.47 -3.47 17.10
C TRP A 75 -13.49 -3.66 15.60
N VAL A 76 -12.61 -2.98 14.86
CA VAL A 76 -12.63 -3.09 13.39
C VAL A 76 -11.49 -3.95 12.85
N SER A 77 -10.54 -4.34 13.69
CA SER A 77 -9.31 -4.97 13.20
C SER A 77 -9.60 -6.17 12.30
N GLU A 78 -10.43 -7.10 12.79
CA GLU A 78 -10.70 -8.32 12.03
C GLU A 78 -11.45 -8.01 10.75
N TYR A 79 -12.52 -7.21 10.85
CA TYR A 79 -13.29 -6.86 9.66
C TYR A 79 -12.42 -6.16 8.62
N TRP A 80 -11.61 -5.19 9.07
CA TRP A 80 -10.83 -4.39 8.14
C TRP A 80 -9.74 -5.22 7.47
N LEU A 81 -9.10 -6.11 8.21
CA LEU A 81 -8.04 -6.95 7.65
C LEU A 81 -8.59 -7.86 6.55
N ASN A 82 -9.82 -8.35 6.70
CA ASN A 82 -10.41 -9.19 5.68
C ASN A 82 -10.85 -8.38 4.47
N ASP A 83 -11.47 -7.23 4.72
CA ASP A 83 -12.06 -6.45 3.63
C ASP A 83 -10.99 -5.74 2.80
N MET A 84 -9.93 -5.27 3.45
CA MET A 84 -8.86 -4.58 2.73
C MET A 84 -7.92 -5.56 2.03
N TYR A 85 -7.62 -6.70 2.65
CA TYR A 85 -6.56 -7.58 2.16
C TYR A 85 -7.04 -9.01 1.91
N LEU A 86 -7.38 -9.75 2.96
CA LEU A 86 -7.41 -11.21 2.89
C LEU A 86 -8.53 -11.72 1.99
N ASN A 87 -9.60 -10.95 1.82
CA ASN A 87 -10.66 -11.34 0.89
C ASN A 87 -10.32 -11.02 -0.56
N ASN A 88 -9.39 -10.11 -0.80
CA ASN A 88 -9.06 -9.69 -2.15
C ASN A 88 -8.44 -10.85 -2.92
N ARG A 89 -9.01 -11.13 -4.10
CA ARG A 89 -8.63 -12.27 -4.91
C ARG A 89 -7.55 -11.95 -5.95
N LEU A 90 -7.22 -10.68 -6.16
CA LEU A 90 -6.29 -10.32 -7.22
C LEU A 90 -4.86 -10.70 -6.86
N ALA A 91 -4.04 -10.93 -7.89
CA ALA A 91 -2.62 -11.17 -7.69
C ALA A 91 -1.99 -10.01 -6.94
N LEU A 92 -1.00 -10.31 -6.10
CA LEU A 92 -0.43 -9.30 -5.23
C LEU A 92 0.46 -8.29 -5.95
N PRO A 93 1.21 -8.68 -6.99
CA PRO A 93 2.01 -7.67 -7.69
C PRO A 93 1.13 -6.59 -8.32
N VAL A 94 1.58 -5.34 -8.17
CA VAL A 94 0.90 -4.17 -8.71
C VAL A 94 -0.45 -3.96 -8.02
N ASN A 95 -1.31 -4.97 -8.06
CA ASN A 95 -2.65 -4.81 -7.48
C ASN A 95 -2.58 -4.48 -6.00
N SER A 96 -1.58 -5.02 -5.28
CA SER A 96 -1.59 -4.92 -3.83
C SER A 96 -0.26 -4.48 -3.23
N SER A 97 0.81 -5.20 -3.52
CA SER A 97 2.06 -5.02 -2.78
C SER A 97 2.77 -3.74 -3.18
N PRO A 98 2.93 -2.77 -2.29
CA PRO A 98 3.65 -1.55 -2.65
C PRO A 98 5.15 -1.76 -2.73
N ALA A 99 5.82 -0.80 -3.37
CA ALA A 99 7.24 -0.85 -3.60
C ALA A 99 7.88 0.42 -3.07
N VAL A 100 9.01 0.26 -2.40
CA VAL A 100 9.83 1.38 -1.92
C VAL A 100 11.17 1.29 -2.62
N ILE A 101 11.53 2.35 -3.35
CA ILE A 101 12.76 2.39 -4.13
C ILE A 101 13.78 3.22 -3.37
N PHE A 102 14.95 2.64 -3.11
CA PHE A 102 16.01 3.38 -2.44
C PHE A 102 16.77 4.23 -3.45
N ALA A 103 17.77 4.96 -2.95
CA ALA A 103 18.63 5.77 -3.79
C ALA A 103 19.43 4.89 -4.76
N ARG A 104 19.75 5.47 -5.92
CA ARG A 104 20.64 4.82 -6.86
C ARG A 104 21.93 4.38 -6.18
N GLN A 105 22.36 3.15 -6.46
CA GLN A 105 23.66 2.71 -6.00
C GLN A 105 24.52 2.37 -7.21
N HIS A 106 25.84 2.39 -7.00
CA HIS A 106 26.77 2.00 -8.05
C HIS A 106 27.58 0.80 -7.58
N PHE A 107 27.38 -0.33 -8.25
CA PHE A 107 28.09 -1.58 -7.95
C PHE A 107 29.01 -1.87 -9.13
N PRO A 108 30.23 -1.34 -9.15
CA PRO A 108 31.18 -1.70 -10.22
C PRO A 108 31.31 -3.20 -10.39
N GLY A 109 31.65 -3.90 -9.30
CA GLY A 109 31.78 -5.34 -9.33
C GLY A 109 30.65 -6.03 -8.57
N THR A 110 30.62 -7.36 -8.71
CA THR A 110 29.62 -8.15 -7.99
C THR A 110 29.83 -8.03 -6.48
N ASP A 111 31.08 -8.04 -6.02
CA ASP A 111 31.34 -7.94 -4.60
C ASP A 111 30.83 -6.64 -4.01
N ASP A 112 30.67 -5.59 -4.83
CA ASP A 112 30.10 -4.34 -4.33
C ASP A 112 28.60 -4.50 -4.07
N GLN A 113 27.89 -5.17 -4.98
CA GLN A 113 26.50 -5.51 -4.72
C GLN A 113 26.39 -6.40 -3.48
N LEU A 114 27.28 -7.38 -3.35
CA LEU A 114 27.18 -8.32 -2.24
C LEU A 114 27.61 -7.69 -0.92
N ARG A 115 28.51 -6.70 -0.96
CA ARG A 115 28.84 -5.95 0.25
C ARG A 115 27.64 -5.14 0.72
N PHE A 116 26.92 -4.51 -0.22
CA PHE A 116 25.69 -3.80 0.13
C PHE A 116 24.68 -4.75 0.75
N ALA A 117 24.46 -5.91 0.12
CA ALA A 117 23.52 -6.89 0.64
C ALA A 117 23.92 -7.33 2.05
N ALA A 118 25.20 -7.66 2.24
CA ALA A 118 25.65 -8.10 3.56
C ALA A 118 25.40 -7.01 4.61
N SER A 119 25.70 -5.78 4.26
CA SER A 119 25.52 -4.61 5.15
C SER A 119 24.04 -4.41 5.45
N LEU A 120 23.19 -4.54 4.44
CA LEU A 120 21.76 -4.38 4.63
C LEU A 120 21.20 -5.46 5.55
N ILE A 121 21.64 -6.71 5.37
CA ILE A 121 21.09 -7.81 6.17
C ILE A 121 21.44 -7.62 7.64
N SER A 122 22.69 -7.26 7.94
CA SER A 122 23.08 -7.07 9.34
C SER A 122 22.39 -5.85 9.92
N GLY A 123 22.05 -4.87 9.10
CA GLY A 123 21.17 -3.81 9.55
C GLY A 123 19.79 -4.32 9.92
N VAL A 124 19.30 -5.30 9.20
CA VAL A 124 17.98 -5.91 9.49
C VAL A 124 18.04 -6.63 10.83
N LEU A 125 19.10 -7.40 11.04
CA LEU A 125 19.30 -8.20 12.26
C LEU A 125 19.35 -7.27 13.49
N SER A 126 20.10 -6.19 13.39
CA SER A 126 20.21 -5.25 14.49
C SER A 126 18.90 -4.50 14.73
N TYR A 127 18.15 -4.20 13.66
CA TYR A 127 16.84 -3.57 13.85
C TYR A 127 15.88 -4.53 14.54
N LYS A 128 15.90 -5.80 14.14
CA LYS A 128 15.05 -6.79 14.81
C LYS A 128 15.42 -6.94 16.28
N ALA A 129 16.70 -6.78 16.62
CA ALA A 129 17.10 -6.87 18.02
C ALA A 129 16.55 -5.71 18.83
N LEU A 130 16.41 -4.54 18.23
CA LEU A 130 15.77 -3.42 18.91
C LEU A 130 14.31 -3.72 19.20
N LEU A 131 13.59 -4.21 18.20
CA LEU A 131 12.20 -4.59 18.39
C LEU A 131 12.07 -5.61 19.52
N ASP A 132 12.86 -6.69 19.47
CA ASP A 132 12.82 -7.69 20.51
C ASP A 132 13.27 -7.14 21.86
N SER A 133 14.02 -6.03 21.85
CA SER A 133 14.31 -5.31 23.08
C SER A 133 13.03 -4.82 23.75
N HIS A 134 12.00 -4.54 22.95
CA HIS A 134 10.77 -3.90 23.43
C HIS A 134 11.11 -2.64 24.23
N SER A 135 12.18 -1.95 23.85
CA SER A 135 12.55 -0.70 24.55
C SER A 135 12.50 0.48 23.57
N ILE A 136 11.93 0.27 22.38
CA ILE A 136 11.80 1.33 21.34
C ILE A 136 10.88 2.43 21.87
N PRO A 137 11.31 3.70 21.90
CA PRO A 137 10.47 4.77 22.41
C PRO A 137 9.23 4.92 21.52
N THR A 138 8.09 5.15 22.14
CA THR A 138 6.82 5.35 21.43
C THR A 138 6.96 6.47 20.40
N ASP A 139 6.50 6.22 19.19
CA ASP A 139 6.47 7.25 18.14
C ASP A 139 5.48 8.35 18.55
N CYS A 140 5.82 9.60 18.28
CA CYS A 140 4.91 10.72 18.50
C CYS A 140 4.56 11.35 17.16
N ALA A 141 3.29 11.67 16.98
CA ALA A 141 2.79 12.07 15.66
C ALA A 141 3.46 13.35 15.18
N LYS A 142 3.68 13.42 13.87
CA LYS A 142 4.09 14.62 13.17
C LYS A 142 2.95 15.08 12.26
N GLY A 143 2.84 16.39 12.07
CA GLY A 143 1.87 16.95 11.14
C GLY A 143 0.58 17.37 11.85
N GLN A 144 -0.56 16.91 11.33
CA GLN A 144 -1.84 17.20 11.99
C GLN A 144 -1.83 16.63 13.40
N LEU A 145 -2.27 17.44 14.36
CA LEU A 145 -2.36 17.04 15.76
C LEU A 145 -1.04 16.39 16.22
N SER A 146 0.03 17.18 16.10
CA SER A 146 1.37 16.71 16.42
C SER A 146 1.50 16.36 17.90
N GLY A 147 2.49 15.54 18.20
CA GLY A 147 2.90 15.29 19.57
C GLY A 147 2.17 14.18 20.29
N GLN A 148 1.17 13.55 19.68
CA GLN A 148 0.39 12.56 20.39
C GLN A 148 0.97 11.16 20.19
N PRO A 149 0.84 10.29 21.19
CA PRO A 149 1.47 8.96 21.09
C PRO A 149 0.77 8.08 20.08
N LEU A 150 1.54 7.22 19.43
CA LEU A 150 1.05 6.37 18.36
C LEU A 150 1.33 4.90 18.66
N CYS A 151 0.41 4.05 18.22
CA CYS A 151 0.57 2.61 18.39
C CYS A 151 1.84 2.13 17.69
N MET A 152 2.50 1.14 18.29
CA MET A 152 3.71 0.56 17.73
C MET A 152 3.52 -0.88 17.25
N LYS A 153 2.29 -1.41 17.30
CA LYS A 153 2.07 -2.81 16.96
C LYS A 153 2.56 -3.17 15.57
N GLN A 154 2.44 -2.24 14.61
CA GLN A 154 2.77 -2.55 13.23
C GLN A 154 4.25 -2.90 13.06
N TYR A 155 5.14 -2.33 13.88
CA TYR A 155 6.55 -2.68 13.76
C TYR A 155 6.77 -4.17 13.94
N TYR A 156 5.94 -4.80 14.76
CA TYR A 156 6.06 -6.22 15.07
C TYR A 156 5.43 -7.12 14.02
N GLY A 157 4.94 -6.54 12.93
CA GLY A 157 4.49 -7.32 11.81
C GLY A 157 5.42 -7.22 10.61
N LEU A 158 6.48 -6.43 10.75
CA LEU A 158 7.41 -6.23 9.63
C LEU A 158 8.11 -7.53 9.26
N PHE A 159 8.60 -8.27 10.26
CA PHE A 159 9.41 -9.45 10.01
C PHE A 159 8.74 -10.76 10.37
N SER A 160 7.65 -10.73 11.13
CA SER A 160 7.11 -11.94 11.74
C SER A 160 5.98 -12.57 10.93
N SER A 161 5.70 -12.10 9.72
CA SER A 161 4.44 -12.40 9.08
C SER A 161 4.59 -13.05 7.71
N TYR A 162 3.64 -13.91 7.40
CA TYR A 162 3.51 -14.60 6.12
C TYR A 162 2.04 -14.65 5.76
N ARG A 163 1.71 -14.35 4.49
CA ARG A 163 0.33 -14.35 4.02
C ARG A 163 0.07 -15.61 3.20
N LEU A 164 -0.70 -16.57 3.77
CA LEU A 164 -1.04 -17.81 3.10
C LEU A 164 -2.23 -17.60 2.16
N PRO A 165 -2.20 -18.18 0.96
CA PRO A 165 -3.37 -18.06 0.07
C PRO A 165 -4.47 -19.04 0.47
N GLY A 166 -5.72 -18.58 0.36
CA GLY A 166 -6.89 -19.42 0.55
C GLY A 166 -7.78 -19.38 -0.68
N HIS A 167 -8.68 -20.34 -0.76
CA HIS A 167 -9.57 -20.42 -1.92
C HIS A 167 -10.47 -19.20 -2.02
N THR A 168 -11.01 -18.75 -0.89
CA THR A 168 -11.84 -17.56 -0.87
C THR A 168 -11.32 -16.47 0.07
N GLN A 169 -10.50 -16.82 1.06
CA GLN A 169 -9.96 -15.84 1.99
C GLN A 169 -8.56 -16.26 2.40
N ASP A 170 -7.64 -15.31 2.41
CA ASP A 170 -6.24 -15.61 2.79
C ASP A 170 -6.12 -15.58 4.31
N THR A 171 -5.01 -16.11 4.81
CA THR A 171 -4.77 -16.12 6.26
C THR A 171 -3.42 -15.47 6.57
N LEU A 172 -3.44 -14.56 7.51
CA LEU A 172 -2.20 -13.92 7.98
C LEU A 172 -1.69 -14.79 9.13
N VAL A 173 -0.49 -15.34 8.98
CA VAL A 173 0.10 -16.21 10.02
C VAL A 173 1.30 -15.49 10.62
N GLU A 182 12.64 -21.38 15.21
CA GLU A 182 13.87 -22.22 15.35
C GLU A 182 15.07 -21.27 15.20
N PRO A 183 16.31 -21.66 14.80
CA PRO A 183 17.41 -20.68 14.56
C PRO A 183 16.99 -19.68 13.47
N GLU A 184 17.50 -18.47 13.45
CA GLU A 184 16.89 -17.49 12.55
C GLU A 184 17.60 -17.54 11.20
N HIS A 185 16.87 -17.37 10.12
CA HIS A 185 17.45 -17.38 8.76
C HIS A 185 16.73 -16.41 7.84
N VAL A 186 17.47 -15.95 6.85
CA VAL A 186 16.94 -15.19 5.72
C VAL A 186 16.86 -16.13 4.53
N ILE A 187 15.94 -15.82 3.61
CA ILE A 187 15.90 -16.49 2.31
C ILE A 187 16.51 -15.56 1.28
N VAL A 188 17.44 -16.07 0.48
CA VAL A 188 18.09 -15.32 -0.58
C VAL A 188 17.63 -15.87 -1.92
N ALA A 189 17.12 -14.99 -2.78
CA ALA A 189 16.67 -15.37 -4.11
C ALA A 189 17.70 -14.92 -5.14
N CYS A 190 18.14 -15.87 -5.98
CA CYS A 190 19.12 -15.57 -7.02
C CYS A 190 18.89 -16.51 -8.20
N CYS A 191 18.74 -15.95 -9.39
CA CYS A 191 18.43 -16.72 -10.59
C CYS A 191 17.20 -17.60 -10.35
N ASN A 192 16.21 -17.03 -9.68
CA ASN A 192 14.95 -17.69 -9.34
C ASN A 192 15.14 -18.89 -8.41
N GLN A 193 16.33 -19.04 -7.83
CA GLN A 193 16.60 -20.08 -6.85
C GLN A 193 16.56 -19.48 -5.45
N PHE A 194 16.09 -20.27 -4.49
CA PHE A 194 15.95 -19.83 -3.11
C PHE A 194 16.96 -20.56 -2.23
N PHE A 195 17.65 -19.80 -1.37
CA PHE A 195 18.70 -20.33 -0.52
C PHE A 195 18.45 -19.92 0.93
N VAL A 196 18.64 -20.86 1.84
CA VAL A 196 18.52 -20.58 3.27
C VAL A 196 19.85 -20.03 3.77
N LEU A 197 19.82 -18.81 4.32
CA LEU A 197 20.99 -18.16 4.90
C LEU A 197 20.74 -17.93 6.38
N ASP A 198 21.29 -18.80 7.22
CA ASP A 198 21.16 -18.65 8.67
C ASP A 198 22.00 -17.47 9.17
N VAL A 199 21.42 -16.68 10.08
CA VAL A 199 22.04 -15.42 10.49
C VAL A 199 22.23 -15.30 12.00
N VAL A 200 21.26 -15.71 12.83
CA VAL A 200 21.35 -15.73 14.32
C VAL A 200 21.44 -17.21 14.68
N ILE A 201 22.58 -17.70 15.17
CA ILE A 201 22.76 -19.17 15.31
C ILE A 201 22.90 -19.66 16.76
N ASN A 202 22.06 -19.13 17.67
CA ASN A 202 21.84 -19.28 19.15
C ASN A 202 22.03 -17.92 19.81
N PHE A 203 21.25 -16.92 19.38
CA PHE A 203 21.35 -15.50 19.83
C PHE A 203 22.74 -14.93 19.44
N ARG A 204 23.50 -15.65 18.60
CA ARG A 204 24.87 -15.29 18.14
C ARG A 204 24.90 -14.96 16.63
N ARG A 205 24.69 -13.71 16.29
CA ARG A 205 24.63 -13.19 14.90
C ARG A 205 25.90 -13.40 14.11
N LEU A 206 25.74 -13.70 12.84
CA LEU A 206 26.84 -13.78 11.87
C LEU A 206 27.23 -12.32 11.57
N SER A 207 28.50 -12.06 11.31
CA SER A 207 28.94 -10.68 11.05
C SER A 207 28.69 -10.27 9.59
N GLU A 208 28.94 -9.00 9.28
CA GLU A 208 28.82 -8.49 7.90
C GLU A 208 29.76 -9.29 7.01
N GLY A 209 30.99 -9.54 7.49
CA GLY A 209 32.01 -10.31 6.76
C GLY A 209 31.58 -11.74 6.53
N ASP A 210 30.98 -12.38 7.53
CA ASP A 210 30.47 -13.73 7.32
C ASP A 210 29.36 -13.73 6.27
N LEU A 211 28.42 -12.80 6.39
CA LEU A 211 27.31 -12.72 5.45
C LEU A 211 27.81 -12.50 4.02
N PHE A 212 28.81 -11.64 3.86
CA PHE A 212 29.36 -11.37 2.52
C PHE A 212 29.91 -12.67 1.93
N THR A 213 30.61 -13.40 2.77
CA THR A 213 31.20 -14.70 2.38
C THR A 213 30.10 -15.67 2.00
N GLN A 214 29.02 -15.71 2.76
CA GLN A 214 27.90 -16.65 2.49
C GLN A 214 27.22 -16.25 1.18
N LEU A 215 27.06 -14.95 0.95
CA LEU A 215 26.41 -14.52 -0.28
C LEU A 215 27.27 -14.84 -1.49
N ARG A 216 28.60 -14.79 -1.36
CA ARG A 216 29.46 -15.17 -2.47
C ARG A 216 29.22 -16.62 -2.88
N LYS A 217 29.01 -17.50 -1.90
CA LYS A 217 28.73 -18.90 -2.21
C LYS A 217 27.39 -19.05 -2.92
N ILE A 218 26.37 -18.31 -2.48
CA ILE A 218 25.05 -18.42 -3.10
C ILE A 218 25.11 -18.03 -4.56
N VAL A 219 25.73 -16.89 -4.86
CA VAL A 219 25.84 -16.41 -6.23
C VAL A 219 26.55 -17.45 -7.09
N LYS A 220 27.62 -18.05 -6.58
CA LYS A 220 28.34 -19.07 -7.32
C LYS A 220 27.43 -20.26 -7.61
N MET A 221 26.70 -20.73 -6.61
CA MET A 221 25.86 -21.91 -6.78
C MET A 221 24.64 -21.62 -7.63
N ALA A 222 24.03 -20.44 -7.46
CA ALA A 222 22.88 -20.08 -8.28
C ALA A 222 23.24 -19.96 -9.75
N SER A 223 24.53 -19.78 -10.06
CA SER A 223 24.97 -19.62 -11.44
C SER A 223 25.11 -20.94 -12.18
N ASN A 224 24.95 -22.08 -11.50
CA ASN A 224 25.16 -23.39 -12.11
C ASN A 224 23.84 -23.86 -12.73
N ALA A 225 23.79 -23.88 -14.06
CA ALA A 225 22.55 -24.19 -14.77
C ALA A 225 22.17 -25.65 -14.62
N ALA A 226 23.15 -26.53 -14.40
CA ALA A 226 22.83 -27.94 -14.17
C ALA A 226 22.04 -28.13 -12.89
N ALA A 227 22.20 -27.21 -11.93
CA ALA A 227 21.55 -27.30 -10.63
C ALA A 227 20.27 -26.47 -10.54
N ARG A 228 19.88 -25.81 -11.62
CA ARG A 228 18.75 -24.90 -11.57
C ARG A 228 17.44 -25.67 -11.36
N LEU A 229 16.62 -25.18 -10.43
CA LEU A 229 15.30 -25.72 -10.16
C LEU A 229 14.22 -24.84 -10.80
N PRO A 230 13.02 -25.37 -10.98
CA PRO A 230 11.98 -24.57 -11.62
C PRO A 230 11.69 -23.31 -10.81
N PRO A 231 11.22 -22.25 -11.46
CA PRO A 231 10.99 -20.97 -10.74
C PRO A 231 9.67 -20.92 -9.99
N ILE A 232 9.66 -21.56 -8.80
CA ILE A 232 8.43 -21.70 -8.03
C ILE A 232 7.91 -20.34 -7.55
N GLY A 233 8.81 -19.39 -7.30
CA GLY A 233 8.37 -18.08 -6.85
C GLY A 233 7.35 -17.45 -7.79
N LEU A 234 7.39 -17.82 -9.06
CA LEU A 234 6.43 -17.32 -10.03
C LEU A 234 5.00 -17.66 -9.63
N LEU A 235 4.80 -18.78 -8.93
CA LEU A 235 3.46 -19.16 -8.51
C LEU A 235 2.86 -18.13 -7.56
N THR A 236 3.68 -17.55 -6.69
CA THR A 236 3.17 -16.56 -5.75
C THR A 236 2.74 -15.26 -6.43
N SER A 237 2.92 -15.16 -7.74
CA SER A 237 2.55 -13.96 -8.50
C SER A 237 1.15 -14.05 -9.09
N ASP A 238 0.45 -15.16 -8.90
CA ASP A 238 -0.84 -15.40 -9.54
C ASP A 238 -1.98 -14.91 -8.65
N GLY A 239 -3.20 -15.02 -9.17
CA GLY A 239 -4.39 -14.76 -8.37
C GLY A 239 -4.40 -15.61 -7.12
N ARG A 240 -4.97 -15.10 -6.03
CA ARG A 240 -4.81 -15.76 -4.74
C ARG A 240 -5.45 -17.15 -4.73
N SER A 241 -6.61 -17.29 -5.37
CA SER A 241 -7.25 -18.59 -5.43
C SER A 241 -6.47 -19.56 -6.32
N GLU A 242 -5.84 -19.05 -7.38
CA GLU A 242 -5.03 -19.91 -8.24
C GLU A 242 -3.77 -20.39 -7.52
N TRP A 243 -3.13 -19.52 -6.75
CA TRP A 243 -1.94 -19.90 -5.99
C TRP A 243 -2.31 -20.83 -4.83
N ALA A 244 -3.48 -20.62 -4.21
CA ALA A 244 -3.96 -21.55 -3.20
C ALA A 244 -4.10 -22.95 -3.76
N GLU A 245 -4.62 -23.08 -4.98
CA GLU A 245 -4.76 -24.39 -5.61
C GLU A 245 -3.40 -24.97 -5.95
N ALA A 246 -2.54 -24.18 -6.60
CA ALA A 246 -1.20 -24.68 -6.93
C ALA A 246 -0.45 -25.09 -5.66
N ARG A 247 -0.55 -24.28 -4.59
CA ARG A 247 0.13 -24.62 -3.35
C ARG A 247 -0.41 -25.92 -2.78
N THR A 248 -1.72 -26.15 -2.89
CA THR A 248 -2.30 -27.40 -2.43
C THR A 248 -1.67 -28.59 -3.13
N VAL A 249 -1.36 -28.44 -4.43
CA VAL A 249 -0.65 -29.49 -5.16
C VAL A 249 0.73 -29.70 -4.55
N LEU A 250 1.47 -28.60 -4.37
CA LEU A 250 2.85 -28.70 -3.91
C LEU A 250 2.96 -29.44 -2.58
N VAL A 251 2.06 -29.15 -1.65
CA VAL A 251 2.20 -29.65 -0.29
C VAL A 251 1.92 -31.15 -0.24
N LYS A 252 1.61 -31.76 -1.39
CA LYS A 252 1.43 -33.20 -1.43
C LYS A 252 2.75 -33.94 -1.25
N ASP A 253 3.87 -33.31 -1.60
CA ASP A 253 5.17 -33.95 -1.45
C ASP A 253 5.93 -33.38 -0.26
N SER A 254 6.67 -34.27 0.41
CA SER A 254 7.36 -33.93 1.66
C SER A 254 8.37 -32.80 1.46
N THR A 255 9.19 -32.89 0.42
CA THR A 255 10.30 -31.95 0.28
C THR A 255 9.80 -30.57 -0.14
N ASN A 256 8.65 -30.48 -0.83
CA ASN A 256 8.02 -29.19 -1.06
C ASN A 256 7.54 -28.59 0.24
N ARG A 257 6.96 -29.41 1.12
CA ARG A 257 6.46 -28.91 2.40
C ARG A 257 7.60 -28.32 3.23
N ASP A 258 8.72 -29.05 3.32
CA ASP A 258 9.87 -28.55 4.07
C ASP A 258 10.36 -27.22 3.50
N SER A 259 10.37 -27.09 2.17
CA SER A 259 10.87 -25.85 1.56
C SER A 259 9.93 -24.69 1.81
N LEU A 260 8.61 -24.92 1.67
CA LEU A 260 7.65 -23.87 1.99
C LEU A 260 7.77 -23.46 3.46
N ASP A 261 8.03 -24.42 4.33
CA ASP A 261 8.17 -24.11 5.75
C ASP A 261 9.31 -23.11 5.99
N MET A 262 10.46 -23.34 5.35
CA MET A 262 11.58 -22.42 5.54
C MET A 262 11.24 -21.02 5.06
N ILE A 263 10.57 -20.90 3.91
CA ILE A 263 10.19 -19.58 3.42
C ILE A 263 9.20 -18.93 4.38
N GLU A 264 8.27 -19.73 4.91
CA GLU A 264 7.22 -19.17 5.77
C GLU A 264 7.77 -18.61 7.07
N ARG A 265 8.86 -19.19 7.59
CA ARG A 265 9.41 -18.78 8.87
C ARG A 265 10.65 -17.89 8.72
N CYS A 266 10.97 -17.47 7.50
CA CYS A 266 12.14 -16.64 7.28
C CYS A 266 11.91 -15.22 7.82
N ILE A 267 13.04 -14.53 8.06
CA ILE A 267 12.98 -13.15 8.54
C ILE A 267 12.46 -12.22 7.44
N CYS A 268 12.95 -12.42 6.21
CA CYS A 268 12.74 -11.56 5.07
C CYS A 268 13.30 -12.31 3.88
N LEU A 269 13.01 -11.77 2.69
CA LEU A 269 13.70 -12.21 1.48
C LEU A 269 14.75 -11.17 1.11
N VAL A 270 15.84 -11.64 0.53
CA VAL A 270 16.84 -10.79 -0.12
C VAL A 270 16.96 -11.29 -1.56
N CYS A 271 16.57 -10.45 -2.51
CA CYS A 271 16.58 -10.82 -3.91
C CYS A 271 17.77 -10.16 -4.60
N LEU A 272 18.64 -10.97 -5.19
CA LEU A 272 19.82 -10.50 -5.92
C LEU A 272 19.44 -10.51 -7.40
N ASP A 273 18.85 -9.41 -7.86
CA ASP A 273 18.29 -9.36 -9.20
C ASP A 273 19.39 -9.24 -10.26
N ALA A 274 19.10 -9.75 -11.45
CA ALA A 274 19.94 -9.52 -12.61
C ALA A 274 19.78 -8.08 -13.06
N PRO A 275 20.73 -7.57 -13.85
CA PRO A 275 20.57 -6.19 -14.37
C PRO A 275 19.42 -6.12 -15.36
N GLY A 276 18.69 -5.01 -15.30
CA GLY A 276 17.75 -4.71 -16.36
C GLY A 276 18.49 -4.36 -17.63
N GLY A 277 17.73 -4.18 -18.70
CA GLY A 277 18.34 -3.79 -19.96
C GLY A 277 18.21 -2.31 -20.24
N VAL A 278 17.42 -1.62 -19.43
CA VAL A 278 16.92 -0.30 -19.78
C VAL A 278 17.63 0.77 -18.96
N GLU A 279 17.44 2.03 -19.36
CA GLU A 279 17.93 3.17 -18.60
C GLU A 279 17.41 3.10 -17.17
N LEU A 280 18.28 3.40 -16.21
CA LEU A 280 17.91 3.34 -14.81
C LEU A 280 17.22 4.62 -14.35
N SER A 281 16.17 4.99 -15.07
CA SER A 281 15.31 6.08 -14.65
C SER A 281 14.56 5.69 -13.39
N ASP A 282 14.15 6.71 -12.63
CA ASP A 282 13.32 6.44 -11.46
C ASP A 282 12.12 5.60 -11.83
N THR A 283 11.55 5.83 -13.02
CA THR A 283 10.34 5.12 -13.43
C THR A 283 10.63 3.64 -13.70
N HIS A 284 11.78 3.33 -14.29
CA HIS A 284 12.11 1.93 -14.59
C HIS A 284 12.62 1.20 -13.36
N ARG A 285 13.34 1.88 -12.47
CA ARG A 285 13.73 1.27 -11.21
C ARG A 285 12.48 0.86 -10.42
N ALA A 286 11.46 1.72 -10.41
CA ALA A 286 10.22 1.40 -9.71
C ALA A 286 9.55 0.18 -10.33
N LEU A 287 9.51 0.11 -11.66
CA LEU A 287 8.90 -1.04 -12.33
C LEU A 287 9.58 -2.34 -11.92
N GLN A 288 10.91 -2.31 -11.72
CA GLN A 288 11.60 -3.54 -11.34
C GLN A 288 11.21 -3.98 -9.93
N LEU A 289 10.98 -3.02 -9.03
CA LEU A 289 10.56 -3.36 -7.67
C LEU A 289 9.10 -3.80 -7.62
N LEU A 290 8.28 -3.33 -8.56
CA LEU A 290 6.85 -3.64 -8.49
C LEU A 290 6.52 -5.01 -9.07
N HIS A 291 7.16 -5.39 -10.18
CA HIS A 291 6.88 -6.69 -10.76
C HIS A 291 8.10 -7.35 -11.39
N GLY A 292 9.29 -6.78 -11.23
CA GLY A 292 10.51 -7.43 -11.69
C GLY A 292 10.67 -7.51 -13.19
N GLY A 293 9.80 -6.85 -13.95
CA GLY A 293 9.84 -6.97 -15.39
C GLY A 293 9.34 -8.28 -15.94
N GLY A 294 8.67 -9.09 -15.12
CA GLY A 294 8.09 -10.33 -15.60
C GLY A 294 9.03 -11.51 -15.52
N TYR A 295 8.52 -12.64 -15.99
CA TYR A 295 9.26 -13.90 -15.86
C TYR A 295 10.61 -13.86 -16.56
N SER A 296 10.69 -13.14 -17.68
CA SER A 296 11.94 -13.11 -18.45
C SER A 296 12.99 -12.18 -17.86
N LYS A 297 12.68 -11.42 -16.80
CA LYS A 297 13.68 -10.59 -16.16
C LYS A 297 13.75 -11.04 -14.71
N ASN A 298 13.17 -10.30 -13.77
CA ASN A 298 13.30 -10.62 -12.35
C ASN A 298 11.98 -10.99 -11.68
N GLY A 299 10.93 -11.23 -12.45
CA GLY A 299 9.61 -11.42 -11.87
C GLY A 299 9.45 -12.70 -11.07
N ALA A 300 10.24 -13.73 -11.38
CA ALA A 300 10.18 -14.97 -10.62
C ALA A 300 11.19 -15.02 -9.48
N ASN A 301 12.08 -14.03 -9.38
CA ASN A 301 13.05 -13.96 -8.29
C ASN A 301 12.38 -13.35 -7.06
N ARG A 302 11.20 -13.86 -6.72
CA ARG A 302 10.34 -13.23 -5.74
C ARG A 302 9.58 -14.30 -4.97
N TRP A 303 9.04 -13.91 -3.81
CA TRP A 303 8.09 -14.72 -3.04
C TRP A 303 7.11 -13.75 -2.40
N TYR A 304 5.98 -13.51 -3.06
CA TYR A 304 5.14 -12.38 -2.71
C TYR A 304 4.36 -12.60 -1.41
N ASP A 305 4.27 -13.84 -0.92
CA ASP A 305 3.57 -14.08 0.33
C ASP A 305 4.30 -13.50 1.54
N LYS A 306 5.60 -13.29 1.46
CA LYS A 306 6.35 -12.83 2.62
C LYS A 306 6.37 -11.30 2.67
N SER A 307 6.35 -10.78 3.89
CA SER A 307 6.04 -9.37 4.10
C SER A 307 7.08 -8.45 3.47
N LEU A 308 8.35 -8.81 3.56
CA LEU A 308 9.42 -7.94 3.09
C LEU A 308 10.35 -8.69 2.16
N GLN A 309 10.47 -8.20 0.92
CA GLN A 309 11.46 -8.67 -0.03
C GLN A 309 12.41 -7.52 -0.36
N PHE A 310 13.62 -7.57 0.19
CA PHE A 310 14.64 -6.56 -0.13
C PHE A 310 15.30 -6.93 -1.45
N VAL A 311 15.28 -6.01 -2.40
CA VAL A 311 15.91 -6.23 -3.71
C VAL A 311 17.24 -5.51 -3.73
N VAL A 312 18.29 -6.23 -4.11
CA VAL A 312 19.62 -5.66 -4.32
C VAL A 312 20.04 -6.08 -5.73
N GLY A 313 19.77 -5.23 -6.71
CA GLY A 313 20.09 -5.56 -8.08
C GLY A 313 21.57 -5.39 -8.38
N ARG A 314 22.04 -6.17 -9.36
CA ARG A 314 23.44 -6.09 -9.76
C ARG A 314 23.77 -4.72 -10.36
N ASP A 315 22.79 -4.06 -10.96
CA ASP A 315 22.99 -2.77 -11.59
C ASP A 315 22.76 -1.60 -10.64
N GLY A 316 22.58 -1.86 -9.35
CA GLY A 316 22.40 -0.81 -8.38
C GLY A 316 20.95 -0.47 -8.06
N THR A 317 20.00 -1.17 -8.67
CA THR A 317 18.58 -0.97 -8.38
C THR A 317 18.24 -1.71 -7.10
N CYS A 318 17.86 -0.97 -6.07
CA CYS A 318 17.60 -1.56 -4.76
C CYS A 318 16.38 -0.91 -4.12
N GLY A 319 15.63 -1.73 -3.39
CA GLY A 319 14.46 -1.27 -2.66
C GLY A 319 13.87 -2.41 -1.84
N VAL A 320 12.57 -2.36 -1.58
CA VAL A 320 11.89 -3.44 -0.86
C VAL A 320 10.44 -3.51 -1.36
N VAL A 321 9.97 -4.74 -1.57
CA VAL A 321 8.59 -5.03 -1.95
C VAL A 321 7.86 -5.53 -0.71
N CYS A 322 6.66 -5.00 -0.48
CA CYS A 322 5.98 -5.19 0.80
C CYS A 322 4.63 -5.87 0.60
N GLU A 323 4.44 -7.01 1.26
CA GLU A 323 3.11 -7.57 1.49
C GLU A 323 2.57 -6.83 2.71
N HIS A 324 1.71 -5.84 2.48
CA HIS A 324 1.41 -4.86 3.52
C HIS A 324 0.18 -5.21 4.35
N SER A 325 -0.26 -6.46 4.34
CA SER A 325 -1.37 -6.81 5.22
C SER A 325 -1.07 -6.54 6.69
N PRO A 326 0.16 -6.65 7.19
CA PRO A 326 0.41 -6.35 8.61
C PRO A 326 0.90 -4.95 8.97
N PHE A 327 1.15 -4.07 8.02
CA PHE A 327 1.64 -2.74 8.36
C PHE A 327 1.39 -1.77 7.21
N ASP A 328 1.36 -0.48 7.56
CA ASP A 328 1.17 0.60 6.61
C ASP A 328 2.49 1.32 6.36
N GLY A 329 2.45 2.29 5.43
CA GLY A 329 3.68 2.81 4.84
C GLY A 329 4.53 3.66 5.77
N ILE A 330 3.90 4.39 6.70
CA ILE A 330 4.67 5.25 7.60
C ILE A 330 5.64 4.42 8.43
N VAL A 331 5.13 3.35 9.05
CA VAL A 331 5.98 2.48 9.85
C VAL A 331 7.05 1.84 8.98
N LEU A 332 6.70 1.43 7.76
CA LEU A 332 7.66 0.80 6.88
C LEU A 332 8.82 1.73 6.57
N VAL A 333 8.52 2.99 6.23
CA VAL A 333 9.57 3.92 5.87
C VAL A 333 10.43 4.30 7.08
N GLN A 334 9.86 4.41 8.28
CA GLN A 334 10.72 4.66 9.43
C GLN A 334 11.71 3.53 9.59
N CYS A 335 11.28 2.28 9.34
CA CYS A 335 12.21 1.16 9.44
C CYS A 335 13.31 1.27 8.38
N THR A 336 12.93 1.47 7.13
CA THR A 336 13.93 1.48 6.05
C THR A 336 14.87 2.65 6.14
N GLU A 337 14.40 3.81 6.60
CA GLU A 337 15.30 4.94 6.81
C GLU A 337 16.27 4.67 7.95
N HIS A 338 15.78 4.02 9.01
CA HIS A 338 16.67 3.54 10.06
C HIS A 338 17.74 2.61 9.49
N LEU A 339 17.32 1.60 8.74
CA LEU A 339 18.25 0.64 8.15
C LEU A 339 19.31 1.35 7.30
N LEU A 340 18.87 2.16 6.35
CA LEU A 340 19.83 2.82 5.44
C LEU A 340 20.78 3.79 6.17
N LYS A 341 20.32 4.50 7.19
CA LYS A 341 21.19 5.45 7.91
C LYS A 341 22.25 4.70 8.72
N HIS A 342 21.87 3.63 9.41
CA HIS A 342 22.81 2.90 10.30
C HIS A 342 23.65 1.86 9.56
N MET A 343 23.45 1.69 8.26
CA MET A 343 24.25 0.68 7.52
C MET A 343 25.76 0.92 7.61
N THR A 344 26.51 -0.16 7.79
CA THR A 344 28.00 -0.14 7.85
C THR A 344 28.52 0.03 6.42
N GLN A 345 29.27 1.09 6.14
CA GLN A 345 29.75 1.29 4.76
C GLN A 345 30.50 0.04 4.31
N LEU A 356 31.80 -22.53 8.83
CA LEU A 356 30.75 -21.82 8.10
C LEU A 356 30.20 -22.68 6.96
N PRO A 357 29.13 -23.42 7.24
CA PRO A 357 28.56 -24.30 6.22
C PRO A 357 28.03 -23.49 5.03
N ALA A 358 27.82 -24.20 3.92
CA ALA A 358 27.28 -23.58 2.73
C ALA A 358 25.77 -23.37 2.87
N PRO A 359 25.24 -22.21 2.46
CA PRO A 359 23.78 -22.03 2.49
C PRO A 359 23.10 -23.13 1.69
N ARG A 360 21.94 -23.57 2.19
CA ARG A 360 21.22 -24.67 1.56
C ARG A 360 20.28 -24.14 0.48
N ARG A 361 20.31 -24.77 -0.69
CA ARG A 361 19.34 -24.49 -1.74
C ARG A 361 18.05 -25.24 -1.45
N LEU A 362 16.93 -24.52 -1.46
CA LEU A 362 15.63 -25.15 -1.28
C LEU A 362 15.28 -25.99 -2.50
N ARG A 363 14.88 -27.24 -2.26
CA ARG A 363 14.56 -28.19 -3.32
C ARG A 363 13.06 -28.29 -3.54
N TRP A 364 12.70 -28.71 -4.75
CA TRP A 364 11.30 -28.80 -5.16
C TRP A 364 11.09 -30.04 -6.03
N LYS A 365 9.88 -30.58 -5.95
CA LYS A 365 9.43 -31.64 -6.84
C LYS A 365 8.19 -31.14 -7.57
N CYS A 366 8.27 -31.03 -8.91
CA CYS A 366 7.20 -30.44 -9.70
C CYS A 366 6.47 -31.52 -10.50
N SER A 367 5.20 -31.72 -10.14
CA SER A 367 4.28 -32.59 -10.86
C SER A 367 4.12 -32.13 -12.30
N PRO A 368 3.54 -32.96 -13.19
CA PRO A 368 3.13 -32.42 -14.49
C PRO A 368 2.13 -31.29 -14.34
N GLU A 369 1.27 -31.34 -13.31
CA GLU A 369 0.30 -30.28 -13.08
C GLU A 369 0.98 -28.98 -12.70
N ILE A 370 2.00 -29.05 -11.84
CA ILE A 370 2.70 -27.85 -11.42
C ILE A 370 3.30 -27.12 -12.62
N GLN A 371 3.76 -27.90 -13.59
CA GLN A 371 4.37 -27.35 -14.83
C GLN A 371 3.34 -26.51 -15.56
N GLY A 372 2.09 -26.94 -15.54
CA GLY A 372 1.02 -26.17 -16.18
C GLY A 372 0.66 -24.93 -15.37
N HIS A 373 0.64 -25.06 -14.04
CA HIS A 373 0.42 -23.89 -13.19
C HIS A 373 1.47 -22.82 -13.45
N LEU A 374 2.72 -23.24 -13.70
CA LEU A 374 3.79 -22.26 -13.94
C LEU A 374 3.60 -21.55 -15.27
N ALA A 375 3.16 -22.29 -16.29
CA ALA A 375 2.91 -21.67 -17.58
C ALA A 375 1.82 -20.62 -17.49
N SER A 376 0.75 -20.91 -16.74
CA SER A 376 -0.31 -19.91 -16.62
C SER A 376 0.12 -18.76 -15.74
N SER A 377 0.86 -19.02 -14.67
CA SER A 377 1.39 -17.94 -13.81
C SER A 377 2.22 -16.97 -14.66
N ALA A 378 3.07 -17.53 -15.52
CA ALA A 378 3.94 -16.74 -16.41
C ALA A 378 3.10 -15.85 -17.33
N GLU A 379 2.05 -16.41 -17.94
CA GLU A 379 1.17 -15.68 -18.86
C GLU A 379 0.39 -14.61 -18.10
N LYS A 380 -0.18 -14.94 -16.95
CA LYS A 380 -0.94 -13.95 -16.14
C LYS A 380 -0.02 -12.82 -15.68
N LEU A 381 1.20 -13.13 -15.26
CA LEU A 381 2.17 -12.12 -14.80
C LEU A 381 2.52 -11.18 -15.94
N GLN A 382 2.72 -11.68 -17.14
CA GLN A 382 3.10 -10.82 -18.26
C GLN A 382 1.96 -9.87 -18.63
N ARG A 383 0.71 -10.29 -18.45
CA ARG A 383 -0.41 -9.37 -18.66
C ARG A 383 -0.34 -8.20 -17.69
N ILE A 384 0.04 -8.48 -16.43
CA ILE A 384 0.18 -7.41 -15.45
C ILE A 384 1.29 -6.46 -15.85
N VAL A 385 2.44 -7.02 -16.25
CA VAL A 385 3.58 -6.19 -16.64
C VAL A 385 3.18 -5.28 -17.79
N LYS A 386 2.56 -5.84 -18.83
CA LYS A 386 2.23 -4.99 -19.97
C LYS A 386 1.10 -4.04 -19.65
N ASN A 387 0.25 -4.37 -18.67
CA ASN A 387 -0.90 -3.53 -18.38
C ASN A 387 -0.56 -2.31 -17.53
N LEU A 388 0.56 -2.31 -16.82
CA LEU A 388 0.85 -1.23 -15.88
C LEU A 388 1.39 0.00 -16.60
N ASP A 389 0.76 1.14 -16.34
CA ASP A 389 1.19 2.45 -16.84
C ASP A 389 1.66 3.26 -15.64
N PHE A 390 2.96 3.50 -15.55
CA PHE A 390 3.53 4.10 -14.36
C PHE A 390 4.48 5.24 -14.71
N ILE A 391 4.45 6.29 -13.90
CA ILE A 391 5.32 7.44 -14.09
C ILE A 391 5.69 8.01 -12.73
N VAL A 392 6.96 8.36 -12.58
CA VAL A 392 7.43 9.16 -11.46
C VAL A 392 7.57 10.60 -11.94
N TYR A 393 6.80 11.51 -11.35
CA TYR A 393 6.83 12.91 -11.75
C TYR A 393 7.22 13.80 -10.58
N LYS A 394 8.19 14.68 -10.81
CA LYS A 394 8.76 15.55 -9.78
C LYS A 394 8.28 16.97 -10.02
N PHE A 395 7.27 17.40 -9.26
CA PHE A 395 6.87 18.80 -9.30
C PHE A 395 7.88 19.62 -8.50
N ASP A 396 8.57 20.54 -9.17
CA ASP A 396 9.68 21.25 -8.54
C ASP A 396 9.50 22.76 -8.50
N ASN A 397 8.32 23.28 -8.84
CA ASN A 397 8.11 24.73 -8.74
C ASN A 397 7.94 25.18 -7.30
N TYR A 398 7.39 24.33 -6.43
CA TYR A 398 7.32 24.65 -5.01
C TYR A 398 6.94 23.40 -4.24
N GLY A 399 6.91 23.53 -2.92
CA GLY A 399 6.58 22.42 -2.03
C GLY A 399 5.85 22.89 -0.81
N LYS A 400 6.11 22.25 0.33
CA LYS A 400 5.37 22.55 1.55
C LYS A 400 5.55 24.00 1.97
N THR A 401 6.77 24.53 1.86
CA THR A 401 7.04 25.87 2.36
C THR A 401 6.06 26.88 1.76
N PHE A 402 5.88 26.83 0.44
CA PHE A 402 4.95 27.76 -0.19
C PHE A 402 3.53 27.56 0.33
N ILE A 403 3.12 26.30 0.53
CA ILE A 403 1.74 26.02 0.92
C ILE A 403 1.50 26.49 2.34
N LYS A 404 2.45 26.25 3.24
CA LYS A 404 2.34 26.73 4.61
C LYS A 404 2.21 28.25 4.64
N LYS A 405 2.91 28.93 3.73
CA LYS A 405 2.82 30.39 3.67
C LYS A 405 1.45 30.87 3.24
N GLN A 406 0.61 29.97 2.71
CA GLN A 406 -0.78 30.31 2.41
C GLN A 406 -1.73 29.94 3.55
N LYS A 407 -1.19 29.54 4.70
CA LYS A 407 -1.99 29.13 5.86
C LYS A 407 -2.81 27.88 5.56
N CYS A 408 -2.24 26.96 4.80
CA CYS A 408 -2.93 25.72 4.44
C CYS A 408 -2.12 24.50 4.87
N SER A 409 -2.84 23.43 5.17
CA SER A 409 -2.21 22.12 5.32
C SER A 409 -1.68 21.67 3.96
N PRO A 410 -0.39 21.30 3.87
CA PRO A 410 0.10 20.77 2.59
C PRO A 410 -0.67 19.56 2.08
N ASP A 411 -1.01 18.61 2.97
CA ASP A 411 -1.73 17.44 2.49
C ASP A 411 -3.07 17.81 1.90
N ALA A 412 -3.81 18.70 2.56
CA ALA A 412 -5.13 19.11 2.06
C ALA A 412 -5.00 19.88 0.75
N PHE A 413 -4.03 20.78 0.67
CA PHE A 413 -3.70 21.46 -0.58
C PHE A 413 -3.51 20.45 -1.70
N ILE A 414 -2.68 19.43 -1.47
CA ILE A 414 -2.35 18.48 -2.51
C ILE A 414 -3.57 17.63 -2.85
N GLN A 415 -4.35 17.22 -1.85
CA GLN A 415 -5.57 16.47 -2.13
C GLN A 415 -6.49 17.27 -3.04
N VAL A 416 -6.67 18.56 -2.76
CA VAL A 416 -7.53 19.39 -3.60
C VAL A 416 -6.98 19.48 -5.01
N ALA A 417 -5.65 19.57 -5.15
CA ALA A 417 -5.05 19.61 -6.48
C ALA A 417 -5.30 18.33 -7.24
N LEU A 418 -5.30 17.19 -6.55
CA LEU A 418 -5.55 15.91 -7.22
C LEU A 418 -6.99 15.83 -7.72
N GLN A 419 -7.95 16.41 -6.97
CA GLN A 419 -9.33 16.44 -7.43
C GLN A 419 -9.48 17.33 -8.66
N LEU A 420 -8.80 18.48 -8.65
CA LEU A 420 -8.80 19.32 -9.83
C LEU A 420 -8.15 18.61 -11.01
N ALA A 421 -7.02 17.95 -10.78
CA ALA A 421 -6.37 17.20 -11.85
C ALA A 421 -7.33 16.18 -12.44
N PHE A 422 -8.01 15.41 -11.59
CA PHE A 422 -8.91 14.39 -12.10
C PHE A 422 -10.07 15.02 -12.87
N TYR A 423 -10.61 16.13 -12.36
CA TYR A 423 -11.80 16.71 -12.98
C TYR A 423 -11.46 17.39 -14.31
N ARG A 424 -10.33 18.09 -14.40
CA ARG A 424 -10.00 18.77 -15.64
C ARG A 424 -9.70 17.78 -16.76
N LEU A 425 -9.25 16.57 -16.41
CA LEU A 425 -8.97 15.53 -17.39
C LEU A 425 -10.20 14.71 -17.74
N HIS A 426 -10.97 14.27 -16.74
CA HIS A 426 -12.07 13.34 -16.97
C HIS A 426 -13.45 13.97 -16.81
N ARG A 427 -13.53 15.22 -16.34
CA ARG A 427 -14.77 15.99 -16.32
C ARG A 427 -15.81 15.39 -15.36
N ARG A 428 -15.35 14.65 -14.36
N ARG A 428 -15.34 14.73 -14.31
CA ARG A 428 -16.20 14.21 -13.27
CA ARG A 428 -16.19 14.24 -13.25
C ARG A 428 -15.34 14.07 -12.03
C ARG A 428 -15.33 14.07 -12.01
N LEU A 429 -15.98 14.10 -10.86
CA LEU A 429 -15.35 13.74 -9.61
C LEU A 429 -15.79 12.32 -9.27
N VAL A 430 -14.93 11.60 -8.55
CA VAL A 430 -15.16 10.18 -8.28
C VAL A 430 -14.88 9.90 -6.81
N PRO A 431 -15.52 8.87 -6.25
CA PRO A 431 -15.14 8.42 -4.91
C PRO A 431 -13.64 8.26 -4.80
N THR A 432 -13.04 8.97 -3.86
CA THR A 432 -11.60 8.99 -3.69
C THR A 432 -11.26 8.45 -2.31
N TYR A 433 -10.12 7.76 -2.25
CA TYR A 433 -9.61 7.20 -1.02
C TYR A 433 -8.29 7.89 -0.68
N GLU A 434 -8.14 8.31 0.58
CA GLU A 434 -6.86 8.79 1.09
C GLU A 434 -6.59 8.14 2.44
N SER A 435 -5.41 7.55 2.59
CA SER A 435 -5.04 6.90 3.84
C SER A 435 -4.95 7.89 4.98
N ALA A 436 -5.62 7.59 6.09
CA ALA A 436 -5.48 8.36 7.32
C ALA A 436 -5.16 7.40 8.45
N SER A 437 -4.06 7.64 9.16
CA SER A 437 -3.65 6.73 10.22
C SER A 437 -4.49 6.97 11.46
N ILE A 438 -5.00 5.88 12.04
CA ILE A 438 -5.71 5.93 13.32
C ILE A 438 -4.80 5.29 14.36
N ARG A 439 -3.50 5.50 14.23
CA ARG A 439 -2.54 4.93 15.17
C ARG A 439 -2.59 5.61 16.53
N ARG A 440 -3.39 6.66 16.70
CA ARG A 440 -3.62 7.23 18.02
C ARG A 440 -4.46 6.31 18.90
N PHE A 441 -4.98 5.23 18.34
CA PHE A 441 -5.82 4.25 19.05
C PHE A 441 -5.13 2.90 19.00
N GLN A 442 -5.48 2.04 19.95
CA GLN A 442 -4.90 0.71 20.12
C GLN A 442 -5.03 -0.09 18.82
N GLU A 443 -3.94 -0.69 18.34
CA GLU A 443 -3.90 -1.51 17.11
C GLU A 443 -4.42 -0.72 15.90
N GLY A 444 -4.54 0.58 15.97
CA GLY A 444 -5.11 1.33 14.86
C GLY A 444 -4.28 1.16 13.59
N ARG A 445 -4.98 1.03 12.46
CA ARG A 445 -4.35 0.98 11.16
C ARG A 445 -4.73 2.25 10.44
N VAL A 446 -5.73 2.25 9.55
CA VAL A 446 -6.15 3.45 8.85
C VAL A 446 -7.68 3.51 8.76
N ASP A 447 -8.19 4.72 8.52
CA ASP A 447 -9.54 4.97 8.03
C ASP A 447 -9.41 5.79 6.75
N ASN A 448 -10.55 6.11 6.13
CA ASN A 448 -10.55 6.76 4.83
C ASN A 448 -10.93 8.23 4.96
N ILE A 449 -10.13 9.10 4.34
CA ILE A 449 -10.48 10.50 4.15
C ILE A 449 -11.10 10.63 2.77
N ARG A 450 -12.39 10.96 2.69
CA ARG A 450 -13.10 11.01 1.41
C ARG A 450 -12.91 12.39 0.83
N SER A 451 -11.88 12.54 -0.01
CA SER A 451 -11.44 13.83 -0.50
C SER A 451 -12.37 14.44 -1.54
N ALA A 452 -13.30 13.67 -2.12
CA ALA A 452 -14.18 14.18 -3.17
C ALA A 452 -15.41 14.82 -2.53
N THR A 453 -15.17 15.97 -1.93
CA THR A 453 -16.19 16.65 -1.14
C THR A 453 -17.05 17.54 -2.01
N PRO A 454 -18.24 17.94 -1.53
CA PRO A 454 -19.03 18.93 -2.28
C PRO A 454 -18.31 20.26 -2.47
N GLU A 455 -17.42 20.63 -1.54
CA GLU A 455 -16.66 21.86 -1.70
C GLU A 455 -15.61 21.70 -2.80
N ALA A 456 -14.94 20.55 -2.86
CA ALA A 456 -14.05 20.27 -3.97
C ALA A 456 -14.80 20.37 -5.29
N LEU A 457 -16.02 19.83 -5.34
CA LEU A 457 -16.79 19.87 -6.59
C LEU A 457 -17.05 21.31 -7.02
N ALA A 458 -17.48 22.16 -6.09
CA ALA A 458 -17.72 23.55 -6.44
C ALA A 458 -16.47 24.21 -6.98
N PHE A 459 -15.32 23.96 -6.34
CA PHE A 459 -14.08 24.61 -6.76
C PHE A 459 -13.66 24.13 -8.15
N VAL A 460 -13.61 22.82 -8.38
CA VAL A 460 -13.08 22.34 -9.66
C VAL A 460 -14.01 22.74 -10.81
N ARG A 461 -15.31 22.86 -10.55
CA ARG A 461 -16.23 23.31 -11.61
C ARG A 461 -15.99 24.77 -11.94
N ALA A 462 -15.75 25.60 -10.93
CA ALA A 462 -15.49 27.01 -11.18
C ALA A 462 -14.22 27.20 -11.99
N VAL A 463 -13.21 26.36 -11.75
CA VAL A 463 -11.94 26.52 -12.45
C VAL A 463 -12.07 26.09 -13.91
N THR A 464 -12.77 24.99 -14.16
CA THR A 464 -12.74 24.39 -15.49
C THR A 464 -13.90 24.83 -16.38
N ASP A 465 -14.96 25.41 -15.82
CA ASP A 465 -16.11 25.86 -16.62
C ASP A 465 -15.86 27.31 -17.03
N HIS A 466 -15.25 27.49 -18.19
CA HIS A 466 -14.87 28.83 -18.62
C HIS A 466 -16.05 29.62 -19.17
N LYS A 467 -17.11 28.94 -19.62
CA LYS A 467 -18.35 29.65 -19.92
C LYS A 467 -18.84 30.39 -18.68
N ALA A 468 -18.71 29.77 -17.51
CA ALA A 468 -19.17 30.39 -16.26
C ALA A 468 -18.41 31.68 -15.94
N ALA A 469 -17.18 31.80 -16.43
CA ALA A 469 -16.36 33.00 -16.23
C ALA A 469 -16.34 33.44 -14.77
N VAL A 470 -16.07 32.50 -13.88
CA VAL A 470 -16.04 32.84 -12.46
C VAL A 470 -14.80 33.68 -12.17
N PRO A 471 -14.91 34.80 -11.46
CA PRO A 471 -13.74 35.66 -11.23
C PRO A 471 -12.70 34.95 -10.37
N ALA A 472 -11.44 35.30 -10.59
CA ALA A 472 -10.35 34.62 -9.89
C ALA A 472 -10.45 34.81 -8.38
N SER A 473 -10.93 35.99 -7.95
CA SER A 473 -11.12 36.24 -6.52
C SER A 473 -12.11 35.23 -5.92
N GLU A 474 -13.20 34.94 -6.63
CA GLU A 474 -14.16 33.98 -6.13
C GLU A 474 -13.63 32.55 -6.26
N LYS A 475 -12.83 32.26 -7.29
CA LYS A 475 -12.17 30.96 -7.35
C LYS A 475 -11.30 30.75 -6.13
N LEU A 476 -10.61 31.80 -5.68
CA LEU A 476 -9.76 31.68 -4.50
C LEU A 476 -10.59 31.35 -3.25
N LEU A 477 -11.75 32.00 -3.11
CA LEU A 477 -12.60 31.70 -1.97
C LEU A 477 -13.08 30.25 -2.00
N LEU A 478 -13.29 29.73 -3.20
CA LEU A 478 -13.73 28.34 -3.36
C LEU A 478 -12.55 27.41 -3.06
N LEU A 479 -11.33 27.83 -3.38
CA LEU A 479 -10.13 27.03 -3.10
C LEU A 479 -9.94 26.91 -1.59
N LYS A 480 -10.04 28.02 -0.87
CA LYS A 480 -9.87 28.08 0.59
C LYS A 480 -10.97 27.26 1.29
N ASP A 481 -12.18 27.30 0.78
CA ASP A 481 -13.23 26.50 1.40
C ASP A 481 -13.05 25.01 1.14
N ALA A 482 -12.53 24.64 -0.04
CA ALA A 482 -12.26 23.23 -0.30
C ALA A 482 -11.15 22.71 0.61
N ILE A 483 -10.11 23.53 0.82
CA ILE A 483 -9.04 23.14 1.74
C ILE A 483 -9.59 23.01 3.16
N ARG A 484 -10.42 23.96 3.58
CA ARG A 484 -11.04 23.88 4.90
C ARG A 484 -11.81 22.57 5.06
N ALA A 485 -12.62 22.22 4.07
CA ALA A 485 -13.40 20.98 4.15
C ALA A 485 -12.50 19.76 4.16
N GLN A 486 -11.43 19.77 3.37
CA GLN A 486 -10.50 18.64 3.34
C GLN A 486 -9.80 18.49 4.68
N THR A 487 -9.39 19.60 5.30
CA THR A 487 -8.77 19.51 6.62
C THR A 487 -9.76 19.03 7.67
N ALA A 488 -11.01 19.52 7.62
CA ALA A 488 -12.00 19.10 8.59
C ALA A 488 -12.26 17.60 8.51
N TYR A 489 -12.37 17.06 7.30
CA TYR A 489 -12.52 15.61 7.15
C TYR A 489 -11.27 14.90 7.65
N THR A 490 -10.09 15.49 7.45
CA THR A 490 -8.85 14.85 7.87
C THR A 490 -8.80 14.71 9.39
N VAL A 491 -9.16 15.78 10.10
CA VAL A 491 -9.16 15.74 11.56
C VAL A 491 -10.18 14.73 12.06
N MET A 492 -11.38 14.74 11.48
CA MET A 492 -12.39 13.75 11.84
C MET A 492 -11.87 12.34 11.68
N ALA A 493 -11.20 12.07 10.56
CA ALA A 493 -10.77 10.70 10.26
C ALA A 493 -9.73 10.22 11.26
N ILE A 494 -8.72 11.06 11.55
CA ILE A 494 -7.62 10.60 12.40
C ILE A 494 -7.99 10.56 13.88
N THR A 495 -9.10 11.19 14.27
CA THR A 495 -9.64 11.05 15.61
C THR A 495 -10.68 9.95 15.72
N GLY A 496 -10.81 9.12 14.68
CA GLY A 496 -11.70 7.97 14.72
C GLY A 496 -13.16 8.26 14.48
N MET A 497 -13.50 9.45 13.98
CA MET A 497 -14.89 9.84 13.81
C MET A 497 -15.37 9.82 12.35
N ALA A 498 -14.57 9.27 11.43
CA ALA A 498 -15.00 9.17 10.04
C ALA A 498 -15.97 8.00 9.90
N ILE A 499 -16.29 7.58 8.68
CA ILE A 499 -17.44 6.72 8.46
C ILE A 499 -17.09 5.33 7.93
N ASP A 500 -15.95 5.16 7.24
CA ASP A 500 -15.73 3.92 6.50
C ASP A 500 -15.63 2.71 7.44
N ASN A 501 -14.80 2.79 8.47
CA ASN A 501 -14.66 1.68 9.41
C ASN A 501 -15.98 1.41 10.12
N HIS A 502 -16.65 2.47 10.57
CA HIS A 502 -17.94 2.34 11.24
C HIS A 502 -18.92 1.55 10.39
N LEU A 503 -19.10 1.98 9.14
CA LEU A 503 -20.08 1.34 8.26
C LEU A 503 -19.70 -0.11 7.95
N LEU A 504 -18.40 -0.36 7.75
CA LEU A 504 -17.94 -1.73 7.55
C LEU A 504 -18.34 -2.62 8.72
N ALA A 505 -18.11 -2.15 9.94
CA ALA A 505 -18.42 -2.95 11.11
C ALA A 505 -19.91 -3.22 11.21
N LEU A 506 -20.73 -2.20 10.99
CA LEU A 506 -22.18 -2.42 11.00
C LEU A 506 -22.59 -3.40 9.91
N ARG A 507 -21.95 -3.31 8.74
CA ARG A 507 -22.24 -4.25 7.66
C ARG A 507 -21.93 -5.68 8.09
N GLU A 508 -20.72 -5.92 8.61
CA GLU A 508 -20.32 -7.28 8.93
C GLU A 508 -21.01 -7.80 10.17
N LEU A 509 -21.37 -6.93 11.12
CA LEU A 509 -22.24 -7.36 12.21
C LEU A 509 -23.60 -7.80 11.68
N ALA A 510 -24.13 -7.08 10.68
CA ALA A 510 -25.40 -7.48 10.08
C ALA A 510 -25.26 -8.83 9.38
N ARG A 511 -24.16 -9.01 8.65
CA ARG A 511 -23.91 -10.26 7.92
C ARG A 511 -23.92 -11.45 8.87
N ALA A 512 -23.42 -11.27 10.09
CA ALA A 512 -23.37 -12.38 11.03
C ALA A 512 -24.77 -12.79 11.49
N MET A 513 -25.72 -11.87 11.49
CA MET A 513 -27.09 -12.22 11.84
C MET A 513 -27.87 -12.78 10.66
N CYS A 514 -27.47 -12.47 9.44
CA CYS A 514 -28.18 -12.95 8.26
C CYS A 514 -27.34 -12.71 7.01
N ALA A 515 -27.17 -13.75 6.19
CA ALA A 515 -26.35 -13.62 5.00
C ALA A 515 -26.92 -12.56 4.05
N ALA A 516 -28.23 -12.33 4.10
CA ALA A 516 -28.87 -11.29 3.32
C ALA A 516 -28.59 -9.95 3.98
N LEU A 517 -27.76 -9.12 3.35
CA LEU A 517 -27.39 -7.84 3.93
C LEU A 517 -28.58 -6.88 3.94
N PRO A 518 -28.60 -5.93 4.86
CA PRO A 518 -29.65 -4.90 4.83
C PRO A 518 -29.57 -4.08 3.55
N GLU A 519 -30.71 -3.48 3.19
CA GLU A 519 -30.80 -2.71 1.96
C GLU A 519 -29.72 -1.63 1.88
N MET A 520 -29.40 -1.01 3.01
CA MET A 520 -28.47 0.12 2.96
C MET A 520 -27.15 -0.29 2.32
N PHE A 521 -26.68 -1.51 2.59
CA PHE A 521 -25.40 -1.96 2.06
C PHE A 521 -25.53 -2.69 0.72
N MET A 522 -26.75 -2.96 0.27
CA MET A 522 -26.98 -3.42 -1.10
C MET A 522 -27.23 -2.26 -2.05
N ASP A 523 -27.66 -1.12 -1.53
CA ASP A 523 -27.88 0.10 -2.30
C ASP A 523 -26.74 0.36 -3.28
N GLU A 524 -27.10 0.69 -4.51
CA GLU A 524 -26.07 1.02 -5.51
C GLU A 524 -25.21 2.17 -5.03
N THR A 525 -25.78 3.10 -4.26
CA THR A 525 -25.01 4.25 -3.78
C THR A 525 -23.86 3.79 -2.88
N TYR A 526 -24.11 2.78 -2.04
CA TYR A 526 -23.05 2.30 -1.16
C TYR A 526 -21.98 1.54 -1.93
N LEU A 527 -22.39 0.71 -2.88
CA LEU A 527 -21.41 -0.03 -3.68
C LEU A 527 -20.53 0.93 -4.48
N MET A 528 -21.13 1.98 -5.04
CA MET A 528 -20.37 2.98 -5.78
C MET A 528 -19.39 3.71 -4.86
N SER A 529 -19.84 4.06 -3.65
CA SER A 529 -19.01 4.81 -2.72
C SER A 529 -17.70 4.12 -2.38
N ASN A 530 -17.61 2.81 -2.62
CA ASN A 530 -16.41 2.05 -2.25
C ASN A 530 -15.63 1.56 -3.48
N ARG A 531 -15.92 2.11 -4.66
CA ARG A 531 -15.09 1.88 -5.85
C ARG A 531 -14.19 3.11 -6.01
N PHE A 532 -12.98 3.01 -5.48
CA PHE A 532 -12.09 4.17 -5.39
C PHE A 532 -11.31 4.31 -6.69
N VAL A 533 -11.94 5.04 -7.63
CA VAL A 533 -11.32 5.31 -8.92
C VAL A 533 -10.03 6.11 -8.74
N LEU A 534 -9.95 6.91 -7.68
CA LEU A 534 -8.72 7.62 -7.33
C LEU A 534 -8.33 7.18 -5.93
N SER A 535 -7.19 6.51 -5.80
CA SER A 535 -6.73 5.92 -4.55
C SER A 535 -5.37 6.54 -4.21
N THR A 536 -5.31 7.25 -3.09
CA THR A 536 -4.18 8.12 -2.80
C THR A 536 -3.65 7.89 -1.39
N SER A 537 -2.41 8.32 -1.18
CA SER A 537 -1.82 8.36 0.16
C SER A 537 -0.56 9.21 0.11
N GLN A 538 -0.23 9.80 1.26
CA GLN A 538 0.99 10.57 1.43
C GLN A 538 1.98 9.73 2.22
N VAL A 539 3.19 9.56 1.66
CA VAL A 539 4.27 8.91 2.40
C VAL A 539 5.49 9.81 2.31
N PRO A 540 5.70 10.70 3.28
CA PRO A 540 6.90 11.55 3.24
C PRO A 540 8.13 10.76 3.67
N THR A 541 9.25 11.06 3.01
CA THR A 541 10.54 10.48 3.38
C THR A 541 11.55 11.60 3.60
N THR A 542 12.60 11.27 4.34
CA THR A 542 13.70 12.20 4.60
C THR A 542 14.80 12.13 3.55
N THR A 543 14.81 11.06 2.74
CA THR A 543 15.93 10.75 1.87
C THR A 543 15.46 10.65 0.43
N GLU A 544 16.26 10.00 -0.42
CA GLU A 544 15.97 9.93 -1.84
C GLU A 544 15.08 8.74 -2.21
N MET A 545 14.48 8.07 -1.24
CA MET A 545 13.59 6.96 -1.56
C MET A 545 12.18 7.48 -1.82
N PHE A 546 11.42 6.70 -2.59
CA PHE A 546 10.02 7.02 -2.88
C PHE A 546 9.22 5.73 -2.93
N CYS A 547 7.89 5.87 -2.88
CA CYS A 547 6.99 4.75 -2.73
C CYS A 547 5.93 4.78 -3.83
N CYS A 548 5.43 3.60 -4.19
CA CYS A 548 4.46 3.52 -5.28
C CYS A 548 3.65 2.23 -5.18
N TYR A 549 2.48 2.26 -5.82
CA TYR A 549 1.58 1.12 -5.84
C TYR A 549 0.60 1.28 -6.99
N GLY A 550 -0.10 0.19 -7.31
CA GLY A 550 -1.02 0.17 -8.43
C GLY A 550 -2.40 0.66 -8.04
N PRO A 551 -3.23 0.83 -9.06
CA PRO A 551 -4.62 1.23 -8.78
C PRO A 551 -5.41 0.07 -8.21
N VAL A 552 -6.57 0.39 -7.62
CA VAL A 552 -7.41 -0.62 -6.99
C VAL A 552 -8.69 -0.90 -7.77
N VAL A 553 -8.92 -0.20 -8.89
CA VAL A 553 -10.00 -0.58 -9.81
C VAL A 553 -9.49 -0.44 -11.25
N PRO A 554 -10.07 -1.23 -12.16
CA PRO A 554 -9.54 -1.25 -13.54
C PRO A 554 -9.51 0.12 -14.20
N ASN A 555 -10.46 1.00 -13.87
CA ASN A 555 -10.56 2.31 -14.50
C ASN A 555 -10.02 3.43 -13.62
N GLY A 556 -9.08 3.12 -12.73
CA GLY A 556 -8.63 4.05 -11.73
C GLY A 556 -7.15 4.37 -11.77
N TYR A 557 -6.76 5.23 -10.83
CA TYR A 557 -5.38 5.62 -10.62
C TYR A 557 -4.93 5.26 -9.22
N GLY A 558 -3.64 5.00 -9.08
CA GLY A 558 -2.97 5.00 -7.78
C GLY A 558 -2.01 6.19 -7.73
N ALA A 559 -1.98 6.88 -6.60
CA ALA A 559 -1.25 8.14 -6.48
C ALA A 559 -0.63 8.24 -5.09
N CYS A 560 0.68 8.03 -5.02
CA CYS A 560 1.43 8.19 -3.78
C CYS A 560 2.36 9.38 -3.93
N TYR A 561 2.32 10.31 -2.98
CA TYR A 561 3.10 11.53 -3.08
C TYR A 561 3.95 11.76 -1.83
N ASN A 562 4.98 12.57 -2.03
CA ASN A 562 6.04 12.78 -1.05
C ASN A 562 6.32 14.28 -1.05
N PRO A 563 5.65 15.03 -0.18
CA PRO A 563 5.84 16.50 -0.18
C PRO A 563 7.08 16.88 0.60
N GLN A 564 7.97 17.62 -0.05
CA GLN A 564 9.19 18.14 0.57
C GLN A 564 9.04 19.66 0.68
N PRO A 565 10.00 20.35 1.29
CA PRO A 565 9.87 21.81 1.42
C PRO A 565 9.72 22.54 0.09
N GLU A 566 10.47 22.13 -0.94
CA GLU A 566 10.46 22.85 -2.21
C GLU A 566 10.05 22.00 -3.40
N THR A 567 9.69 20.74 -3.19
CA THR A 567 9.29 19.86 -4.28
C THR A 567 8.19 18.93 -3.79
N ILE A 568 7.45 18.37 -4.73
CA ILE A 568 6.47 17.33 -4.44
C ILE A 568 6.68 16.20 -5.44
N LEU A 569 6.99 15.01 -4.93
CA LEU A 569 7.16 13.84 -5.78
C LEU A 569 5.86 13.06 -5.85
N PHE A 570 5.41 12.78 -7.07
CA PHE A 570 4.20 12.01 -7.32
C PHE A 570 4.54 10.71 -8.04
N CYS A 571 4.01 9.60 -7.54
CA CYS A 571 4.08 8.31 -8.23
C CYS A 571 2.68 7.94 -8.68
N ILE A 572 2.45 7.92 -9.99
CA ILE A 572 1.13 7.78 -10.59
C ILE A 572 1.06 6.46 -11.35
N SER A 573 0.05 5.64 -11.04
CA SER A 573 -0.19 4.40 -11.74
C SER A 573 -1.61 4.37 -12.29
N SER A 574 -1.77 3.65 -13.40
CA SER A 574 -3.06 3.39 -14.02
C SER A 574 -2.87 2.20 -14.94
N PHE A 575 -3.95 1.77 -15.58
CA PHE A 575 -3.94 0.56 -16.40
C PHE A 575 -4.12 0.90 -17.86
N HIS A 576 -3.22 0.37 -18.69
CA HIS A 576 -3.25 0.59 -20.14
C HIS A 576 -4.55 0.07 -20.76
N SER A 577 -5.15 -0.96 -20.17
CA SER A 577 -6.37 -1.53 -20.71
C SER A 577 -7.53 -0.56 -20.65
N CYS A 578 -7.47 0.47 -19.80
CA CYS A 578 -8.53 1.47 -19.72
C CYS A 578 -8.13 2.66 -20.60
N ALA A 579 -8.90 2.86 -21.68
CA ALA A 579 -8.56 3.91 -22.65
C ALA A 579 -8.75 5.31 -22.08
N ALA A 580 -9.55 5.46 -21.02
CA ALA A 580 -9.78 6.78 -20.43
C ALA A 580 -8.59 7.23 -19.58
N THR A 581 -7.96 6.29 -18.89
CA THR A 581 -6.88 6.61 -17.96
C THR A 581 -5.54 6.80 -18.68
N SER A 582 -4.72 7.70 -18.14
CA SER A 582 -3.36 7.87 -18.64
C SER A 582 -2.50 8.49 -17.54
N SER A 583 -1.45 7.78 -17.13
CA SER A 583 -0.61 8.27 -16.05
C SER A 583 0.13 9.54 -16.45
N SER A 584 0.58 9.61 -17.70
CA SER A 584 1.31 10.80 -18.16
C SER A 584 0.37 12.00 -18.24
N LYS A 585 -0.80 11.79 -18.80
CA LYS A 585 -1.79 12.88 -18.89
C LYS A 585 -2.19 13.33 -17.48
N PHE A 586 -2.42 12.39 -16.57
CA PHE A 586 -2.82 12.75 -15.21
C PHE A 586 -1.71 13.54 -14.51
N ALA A 587 -0.45 13.19 -14.77
CA ALA A 587 0.66 13.91 -14.15
C ALA A 587 0.75 15.35 -14.67
N LYS A 588 0.50 15.56 -15.97
CA LYS A 588 0.46 16.92 -16.49
C LYS A 588 -0.73 17.69 -15.91
N ALA A 589 -1.85 16.99 -15.70
CA ALA A 589 -3.00 17.64 -15.06
C ALA A 589 -2.68 18.04 -13.63
N VAL A 590 -1.90 17.21 -12.92
CA VAL A 590 -1.49 17.58 -11.56
C VAL A 590 -0.62 18.83 -11.60
N GLU A 591 0.36 18.86 -12.51
CA GLU A 591 1.23 20.03 -12.62
C GLU A 591 0.40 21.28 -12.92
N GLU A 592 -0.48 21.20 -13.91
CA GLU A 592 -1.35 22.33 -14.23
C GLU A 592 -2.19 22.74 -13.03
N SER A 593 -2.69 21.78 -12.25
CA SER A 593 -3.53 22.14 -11.13
C SER A 593 -2.73 22.82 -10.03
N LEU A 594 -1.47 22.40 -9.83
CA LEU A 594 -0.64 23.03 -8.81
C LEU A 594 -0.26 24.45 -9.21
N ILE A 595 -0.05 24.68 -10.51
CA ILE A 595 0.25 26.03 -10.98
C ILE A 595 -0.97 26.92 -10.86
N ASP A 596 -2.13 26.43 -11.30
CA ASP A 596 -3.37 27.18 -11.14
C ASP A 596 -3.60 27.59 -9.69
N MET A 597 -3.37 26.65 -8.76
CA MET A 597 -3.62 26.93 -7.35
C MET A 597 -2.59 27.91 -6.79
N ARG A 598 -1.36 27.86 -7.29
CA ARG A 598 -0.37 28.87 -6.90
C ARG A 598 -0.78 30.24 -7.40
N ASP A 599 -1.27 30.34 -8.64
CA ASP A 599 -1.68 31.62 -9.17
C ASP A 599 -2.88 32.18 -8.41
N LEU A 600 -3.82 31.31 -8.02
CA LEU A 600 -4.97 31.79 -7.26
C LEU A 600 -4.53 32.29 -5.89
N CYS A 601 -3.65 31.56 -5.20
CA CYS A 601 -3.18 31.98 -3.89
C CYS A 601 -2.37 33.27 -3.96
N SER A 602 -1.79 33.55 -5.12
CA SER A 602 -0.92 34.71 -5.32
C SER A 602 -1.72 35.96 -5.68
N LEU A 603 -3.03 35.86 -5.74
CA LEU A 603 -3.88 37.03 -6.07
C LEU A 603 -3.87 37.97 -4.87
N LEU A 604 -4.24 37.44 -3.71
CA LEU A 604 -4.42 38.20 -2.46
C LEU A 604 -3.56 37.64 -1.33
#